data_2Z39
#
_entry.id   2Z39
#
_cell.length_a   60.988
_cell.length_b   47.254
_cell.length_c   77.668
_cell.angle_alpha   90.000
_cell.angle_beta   100.850
_cell.angle_gamma   90.000
#
_symmetry.space_group_name_H-M   'P 1 21 1'
#
loop_
_entity.id
_entity.type
_entity.pdbx_description
1 polymer Chitinase
2 non-polymer 'CHLORIDE ION'
3 water water
#
_entity_poly.entity_id   1
_entity_poly.type   'polypeptide(L)'
_entity_poly.pdbx_seq_one_letter_code
;FGDLSGIISRDQFYKMLKHMNDNDCHAVGFFTYDAFITAAKSFPSFGNTGDLAMRKKEIAAFFGQTSHETTGGWSGAPDG
ANTWGYCYKEAIDKSDPHCDSNNLEWPCAPGKFYYGRGPMMLSWNYNYGPCGRDLGLELLKNPDVASSDPVIAFKTAIWF
WMTPQAPKPSCHDVITDQWEPSAADISAGRLPGYGVITNIINGGLECAGRDVAKVQDRISFYTRYCGMFGVDPGSNIDCD
NQRPFN
;
_entity_poly.pdbx_strand_id   A,B
#
loop_
_chem_comp.id
_chem_comp.type
_chem_comp.name
_chem_comp.formula
CL non-polymer 'CHLORIDE ION' 'Cl -1'
#
# COMPACT_ATOMS: atom_id res chain seq x y z
N PHE A 1 -7.92 37.15 -9.63
CA PHE A 1 -8.22 35.88 -10.37
C PHE A 1 -7.12 34.82 -10.23
N GLY A 2 -7.49 33.63 -9.75
CA GLY A 2 -6.53 32.52 -9.61
C GLY A 2 -6.14 32.24 -8.17
N ASP A 3 -6.52 33.18 -7.29
CA ASP A 3 -6.44 33.00 -5.85
C ASP A 3 -7.70 32.22 -5.41
N LEU A 4 -7.48 31.05 -4.81
CA LEU A 4 -8.60 30.17 -4.48
C LEU A 4 -9.16 30.40 -3.09
N SER A 5 -8.61 31.39 -2.38
CA SER A 5 -9.05 31.71 -1.02
C SER A 5 -10.56 31.97 -0.84
N GLY A 6 -11.26 32.31 -1.92
CA GLY A 6 -12.70 32.56 -1.84
C GLY A 6 -13.53 31.30 -1.98
N ILE A 7 -12.87 30.25 -2.43
CA ILE A 7 -13.48 28.96 -2.78
C ILE A 7 -13.13 27.95 -1.68
N ILE A 8 -11.92 28.06 -1.14
CA ILE A 8 -11.50 27.20 -0.04
C ILE A 8 -10.76 28.02 0.96
N SER A 9 -11.30 28.10 2.17
CA SER A 9 -10.72 28.92 3.23
C SER A 9 -9.65 28.12 3.95
N ARG A 10 -8.84 28.84 4.71
CA ARG A 10 -7.84 28.24 5.55
C ARG A 10 -8.47 27.27 6.52
N ASP A 11 -9.60 27.66 7.12
CA ASP A 11 -10.30 26.79 8.04
C ASP A 11 -10.77 25.50 7.37
N GLN A 12 -11.31 25.58 6.15
CA GLN A 12 -11.72 24.34 5.46
C GLN A 12 -10.52 23.46 5.16
N PHE A 13 -9.41 24.07 4.75
CA PHE A 13 -8.18 23.34 4.38
C PHE A 13 -7.74 22.49 5.57
N TYR A 14 -7.65 23.12 6.75
CA TYR A 14 -7.12 22.36 7.90
C TYR A 14 -8.11 21.40 8.52
N LYS A 15 -9.41 21.65 8.34
CA LYS A 15 -10.45 20.67 8.71
C LYS A 15 -10.41 19.45 7.79
N MET A 16 -10.19 19.67 6.50
CA MET A 16 -10.01 18.54 5.58
C MET A 16 -8.83 17.71 6.02
N LEU A 17 -7.71 18.39 6.25
CA LEU A 17 -6.46 17.72 6.55
C LEU A 17 -6.28 17.67 8.08
N LYS A 18 -7.30 17.12 8.74
CA LYS A 18 -7.50 17.11 10.21
C LYS A 18 -6.33 16.55 11.04
N HIS A 19 -5.70 15.48 10.52
CA HIS A 19 -4.70 14.74 11.26
C HIS A 19 -3.27 14.82 10.71
N MET A 20 -3.04 15.63 9.68
CA MET A 20 -1.73 15.66 9.03
C MET A 20 -0.59 16.20 9.92
N ASN A 21 -0.92 16.92 10.98
CA ASN A 21 0.09 17.36 11.94
C ASN A 21 0.22 16.47 13.18
N ASP A 22 -0.45 15.32 13.17
CA ASP A 22 -0.39 14.40 14.31
C ASP A 22 0.93 13.69 14.43
N ASN A 23 1.18 13.17 15.64
CA ASN A 23 2.35 12.37 15.96
C ASN A 23 2.54 11.18 15.05
N ASP A 24 1.42 10.55 14.65
CA ASP A 24 1.47 9.39 13.77
C ASP A 24 1.81 9.78 12.32
N CYS A 25 1.84 11.08 12.01
CA CYS A 25 2.15 11.50 10.63
C CYS A 25 3.59 11.97 10.47
N HIS A 26 3.96 12.25 9.23
CA HIS A 26 5.37 12.36 8.87
C HIS A 26 5.82 13.63 8.18
N ALA A 27 4.88 14.48 7.82
CA ALA A 27 5.23 15.71 7.12
C ALA A 27 4.63 16.83 7.95
N VAL A 28 4.81 16.73 9.26
CA VAL A 28 4.17 17.65 10.21
C VAL A 28 4.64 19.08 9.94
N GLY A 29 3.68 19.98 9.78
CA GLY A 29 3.93 21.39 9.48
C GLY A 29 4.41 21.68 8.07
N PHE A 30 4.51 20.66 7.22
CA PHE A 30 5.07 20.87 5.89
C PHE A 30 4.04 21.46 4.95
N PHE A 31 2.89 20.81 4.83
CA PHE A 31 1.87 21.29 3.88
C PHE A 31 1.05 22.37 4.53
N THR A 32 1.10 23.57 3.98
CA THR A 32 0.36 24.69 4.55
C THR A 32 -0.65 25.20 3.55
N TYR A 33 -1.68 25.87 4.05
CA TYR A 33 -2.70 26.48 3.21
C TYR A 33 -2.07 27.57 2.33
N ASP A 34 -1.19 28.40 2.92
CA ASP A 34 -0.50 29.45 2.16
C ASP A 34 0.27 28.85 0.96
N ALA A 35 0.88 27.68 1.16
CA ALA A 35 1.65 27.05 0.11
C ALA A 35 0.74 26.60 -1.02
N PHE A 36 -0.36 25.98 -0.66
CA PHE A 36 -1.33 25.51 -1.65
C PHE A 36 -1.87 26.70 -2.46
N ILE A 37 -2.28 27.74 -1.75
CA ILE A 37 -2.79 28.96 -2.39
C ILE A 37 -1.75 29.57 -3.34
N THR A 38 -0.52 29.75 -2.87
CA THR A 38 0.59 30.18 -3.74
C THR A 38 0.80 29.30 -4.99
N ALA A 39 0.82 27.98 -4.81
CA ALA A 39 1.05 27.06 -5.91
C ALA A 39 -0.03 27.21 -6.96
N ALA A 40 -1.29 27.32 -6.50
CA ALA A 40 -2.44 27.32 -7.40
C ALA A 40 -2.47 28.57 -8.29
N LYS A 41 -1.92 29.68 -7.77
CA LYS A 41 -1.87 30.92 -8.53
C LYS A 41 -1.07 30.69 -9.81
N SER A 42 -0.20 29.66 -9.82
CA SER A 42 0.63 29.39 -11.00
CA SER A 42 0.65 29.33 -10.96
C SER A 42 -0.10 28.64 -12.10
N PHE A 43 -1.30 28.13 -11.79
CA PHE A 43 -2.13 27.38 -12.72
C PHE A 43 -3.52 27.98 -12.67
N PRO A 44 -3.67 29.13 -13.33
CA PRO A 44 -4.88 29.94 -13.12
C PRO A 44 -6.18 29.19 -13.43
N SER A 45 -6.18 28.35 -14.45
CA SER A 45 -7.39 27.59 -14.79
C SER A 45 -7.88 26.62 -13.69
N PHE A 46 -6.94 26.09 -12.91
CA PHE A 46 -7.23 25.20 -11.80
C PHE A 46 -8.09 25.93 -10.81
N GLY A 47 -9.21 25.32 -10.43
CA GLY A 47 -10.13 25.88 -9.44
C GLY A 47 -10.82 27.16 -9.91
N ASN A 48 -10.64 27.52 -11.18
CA ASN A 48 -11.31 28.70 -11.75
C ASN A 48 -12.06 28.40 -13.05
N THR A 49 -12.42 27.14 -13.25
CA THR A 49 -13.12 26.70 -14.47
C THR A 49 -14.51 26.21 -14.13
N GLY A 50 -15.51 26.80 -14.80
CA GLY A 50 -16.91 26.49 -14.55
C GLY A 50 -17.51 27.37 -13.47
N ASP A 51 -18.74 27.03 -13.10
CA ASP A 51 -19.45 27.76 -12.07
C ASP A 51 -18.94 27.37 -10.70
N LEU A 52 -19.51 28.01 -9.67
CA LEU A 52 -19.08 27.79 -8.30
C LEU A 52 -19.03 26.31 -7.93
N ALA A 53 -20.11 25.59 -8.22
CA ALA A 53 -20.16 24.16 -7.89
C ALA A 53 -19.05 23.35 -8.59
N MET A 54 -18.84 23.59 -9.88
CA MET A 54 -17.75 22.93 -10.59
C MET A 54 -16.35 23.22 -9.99
N ARG A 55 -16.10 24.49 -9.66
CA ARG A 55 -14.83 24.93 -9.06
C ARG A 55 -14.61 24.20 -7.75
N LYS A 56 -15.66 24.12 -6.94
CA LYS A 56 -15.56 23.40 -5.67
C LYS A 56 -15.36 21.91 -5.85
N LYS A 57 -16.05 21.31 -6.81
CA LYS A 57 -15.89 19.89 -7.12
C LYS A 57 -14.47 19.54 -7.62
N GLU A 58 -13.86 20.44 -8.41
CA GLU A 58 -12.46 20.24 -8.82
C GLU A 58 -11.51 20.22 -7.61
N ILE A 59 -11.71 21.15 -6.68
CA ILE A 59 -10.86 21.19 -5.47
C ILE A 59 -11.09 19.94 -4.63
N ALA A 60 -12.36 19.54 -4.49
CA ALA A 60 -12.71 18.28 -3.76
C ALA A 60 -12.06 17.04 -4.38
N ALA A 61 -12.11 16.93 -5.72
CA ALA A 61 -11.49 15.79 -6.42
C ALA A 61 -9.96 15.81 -6.31
N PHE A 62 -9.37 16.99 -6.41
CA PHE A 62 -7.91 17.12 -6.32
C PHE A 62 -7.48 16.69 -4.93
N PHE A 63 -8.15 17.22 -3.90
CA PHE A 63 -7.80 16.78 -2.54
C PHE A 63 -8.15 15.31 -2.21
N GLY A 64 -9.23 14.80 -2.82
CA GLY A 64 -9.63 13.39 -2.67
C GLY A 64 -8.51 12.48 -3.16
N GLN A 65 -7.95 12.79 -4.34
CA GLN A 65 -6.95 11.92 -4.93
C GLN A 65 -5.59 12.09 -4.21
N THR A 66 -5.18 13.31 -3.97
CA THR A 66 -3.91 13.54 -3.31
C THR A 66 -3.93 13.07 -1.84
N SER A 67 -5.11 13.09 -1.22
CA SER A 67 -5.24 12.60 0.18
C SER A 67 -4.95 11.14 0.19
N HIS A 68 -5.49 10.44 -0.80
CA HIS A 68 -5.20 8.99 -0.90
C HIS A 68 -3.71 8.75 -1.12
N GLU A 69 -3.09 9.52 -2.03
CA GLU A 69 -1.68 9.30 -2.38
C GLU A 69 -0.78 9.43 -1.13
N THR A 70 -1.18 10.32 -0.24
CA THR A 70 -0.38 10.71 0.93
C THR A 70 -1.00 10.16 2.24
N THR A 71 -1.99 9.28 2.13
CA THR A 71 -2.74 8.88 3.35
C THR A 71 -1.93 8.07 4.38
N GLY A 72 -2.25 8.25 5.64
CA GLY A 72 -1.71 7.42 6.67
C GLY A 72 -2.85 6.81 7.48
N GLY A 73 -4.07 6.80 6.92
CA GLY A 73 -5.25 6.26 7.63
C GLY A 73 -5.32 4.74 7.66
N TRP A 74 -6.12 4.22 8.59
CA TRP A 74 -6.37 2.78 8.71
C TRP A 74 -7.77 2.61 9.28
N SER A 75 -8.33 1.41 9.16
CA SER A 75 -9.66 1.11 9.69
C SER A 75 -9.62 1.33 11.19
N GLY A 76 -10.43 2.25 11.69
CA GLY A 76 -10.46 2.51 13.11
C GLY A 76 -9.58 3.67 13.52
N ALA A 77 -8.95 4.34 12.55
CA ALA A 77 -8.17 5.53 12.87
C ALA A 77 -9.11 6.60 13.45
N PRO A 78 -8.58 7.44 14.34
CA PRO A 78 -9.39 8.55 14.90
C PRO A 78 -10.14 9.37 13.84
N ASP A 79 -11.44 9.54 14.05
CA ASP A 79 -12.33 10.26 13.13
C ASP A 79 -12.56 9.63 11.74
N GLY A 80 -11.92 8.51 11.48
CA GLY A 80 -12.13 7.76 10.25
C GLY A 80 -10.92 7.84 9.35
N ALA A 81 -10.65 6.75 8.62
CA ALA A 81 -9.50 6.70 7.69
C ALA A 81 -9.48 7.87 6.71
N ASN A 82 -10.66 8.35 6.29
CA ASN A 82 -10.77 9.50 5.37
C ASN A 82 -10.49 10.90 5.96
N THR A 83 -9.84 10.92 7.12
CA THR A 83 -9.41 12.19 7.72
C THR A 83 -7.88 12.22 7.87
N TRP A 84 -7.22 11.22 7.30
CA TRP A 84 -5.77 11.05 7.43
C TRP A 84 -4.96 11.39 6.16
N GLY A 85 -5.49 12.27 5.31
CA GLY A 85 -4.73 12.74 4.15
C GLY A 85 -3.49 13.53 4.53
N TYR A 86 -2.49 13.53 3.64
CA TYR A 86 -1.34 14.44 3.76
C TYR A 86 -0.45 14.14 4.95
N CYS A 87 -0.45 12.86 5.30
CA CYS A 87 0.35 12.27 6.40
C CYS A 87 1.81 12.03 5.96
N TYR A 88 2.00 11.82 4.66
CA TYR A 88 3.34 11.68 4.06
C TYR A 88 3.58 12.74 2.99
N LYS A 89 4.84 13.16 2.83
CA LYS A 89 5.22 14.05 1.72
C LYS A 89 6.07 13.33 0.67
N GLU A 90 6.47 12.08 0.97
CA GLU A 90 7.18 11.27 -0.04
C GLU A 90 7.13 9.76 0.27
N ALA A 91 7.54 8.95 -0.71
CA ALA A 91 7.55 7.49 -0.57
C ALA A 91 8.35 7.08 0.66
N ILE A 92 7.87 6.06 1.38
CA ILE A 92 8.65 5.47 2.49
C ILE A 92 9.85 4.72 1.90
N ASP A 93 9.57 3.87 0.92
CA ASP A 93 10.56 3.04 0.26
C ASP A 93 11.25 3.85 -0.83
N LYS A 94 12.50 4.20 -0.57
CA LYS A 94 13.27 5.08 -1.44
C LYS A 94 14.42 4.34 -2.15
N SER A 95 14.31 3.02 -2.27
CA SER A 95 15.38 2.18 -2.79
C SER A 95 15.42 2.09 -4.32
N ASP A 96 14.30 2.43 -4.96
CA ASP A 96 14.13 2.27 -6.41
C ASP A 96 14.35 3.61 -7.12
N PRO A 97 15.30 3.64 -8.06
CA PRO A 97 15.61 4.86 -8.83
C PRO A 97 14.45 5.38 -9.69
N HIS A 98 13.48 4.51 -10.03
CA HIS A 98 12.40 4.86 -10.95
C HIS A 98 12.89 5.53 -12.22
N CYS A 99 13.78 4.84 -12.93
CA CYS A 99 14.35 5.38 -14.16
C CYS A 99 13.92 4.48 -15.33
N ASP A 100 13.10 5.02 -16.23
CA ASP A 100 12.62 4.25 -17.39
C ASP A 100 13.40 4.66 -18.63
N SER A 101 13.97 3.67 -19.32
CA SER A 101 14.76 3.97 -20.52
C SER A 101 14.06 3.69 -21.85
N ASN A 102 12.86 3.14 -21.80
CA ASN A 102 12.07 2.94 -23.02
C ASN A 102 11.57 4.25 -23.58
N ASN A 103 11.64 4.41 -24.90
CA ASN A 103 11.31 5.66 -25.58
C ASN A 103 11.81 6.91 -24.80
N LEU A 104 13.09 6.87 -24.41
CA LEU A 104 13.67 7.83 -23.48
C LEU A 104 13.79 9.25 -24.05
N GLU A 105 13.10 10.19 -23.40
CA GLU A 105 13.30 11.63 -23.66
C GLU A 105 13.98 12.31 -22.47
N TRP A 106 13.78 11.77 -21.27
CA TRP A 106 14.12 12.49 -20.05
C TRP A 106 15.25 11.81 -19.30
N PRO A 107 16.47 12.40 -19.32
CA PRO A 107 17.63 11.69 -18.75
C PRO A 107 17.60 11.55 -17.23
N CYS A 108 17.93 10.36 -16.76
CA CYS A 108 18.08 10.12 -15.33
C CYS A 108 19.46 10.58 -14.90
N ALA A 109 19.50 11.34 -13.82
CA ALA A 109 20.76 11.84 -13.29
C ALA A 109 21.35 10.76 -12.40
N PRO A 110 22.67 10.53 -12.52
CA PRO A 110 23.36 9.49 -11.75
C PRO A 110 23.23 9.72 -10.24
N GLY A 111 22.80 8.68 -9.53
CA GLY A 111 22.68 8.72 -8.09
C GLY A 111 21.40 9.35 -7.60
N LYS A 112 20.50 9.69 -8.53
CA LYS A 112 19.20 10.31 -8.15
C LYS A 112 18.05 9.32 -8.32
N PHE A 113 17.06 9.44 -7.43
CA PHE A 113 15.97 8.47 -7.34
C PHE A 113 14.64 9.17 -7.57
N TYR A 114 13.83 8.68 -8.51
CA TYR A 114 12.57 9.38 -8.83
C TYR A 114 11.38 8.67 -8.20
N TYR A 115 11.53 8.34 -6.91
CA TYR A 115 10.42 7.77 -6.11
C TYR A 115 9.37 8.84 -5.85
N GLY A 116 8.19 8.42 -5.36
CA GLY A 116 7.07 9.34 -5.16
C GLY A 116 7.41 10.52 -4.24
N ARG A 117 7.12 11.73 -4.73
CA ARG A 117 7.25 12.95 -3.91
C ARG A 117 6.04 13.86 -4.06
N GLY A 118 5.66 14.52 -2.95
CA GLY A 118 4.62 15.58 -2.96
C GLY A 118 3.21 15.00 -2.99
N PRO A 119 2.18 15.86 -3.04
CA PRO A 119 0.79 15.37 -2.90
C PRO A 119 0.31 14.33 -3.92
N MET A 120 0.91 14.29 -5.12
CA MET A 120 0.46 13.35 -6.14
C MET A 120 1.44 12.18 -6.20
N MET A 121 2.46 12.25 -5.33
CA MET A 121 3.53 11.24 -5.30
C MET A 121 4.10 11.03 -6.68
N LEU A 122 4.48 12.14 -7.29
CA LEU A 122 5.12 12.23 -8.62
C LEU A 122 6.30 11.26 -8.66
N SER A 123 6.32 10.38 -9.67
CA SER A 123 7.34 9.34 -9.77
CA SER A 123 7.38 9.39 -9.78
C SER A 123 7.84 9.20 -11.20
N TRP A 124 9.10 8.77 -11.34
CA TRP A 124 9.74 8.40 -12.63
C TRP A 124 10.34 9.59 -13.37
N ASN A 125 11.47 9.34 -14.05
CA ASN A 125 12.07 10.40 -14.85
C ASN A 125 11.13 11.04 -15.89
N TYR A 126 10.20 10.27 -16.42
CA TYR A 126 9.31 10.77 -17.46
C TYR A 126 8.21 11.69 -16.93
N ASN A 127 8.09 11.77 -15.60
CA ASN A 127 7.30 12.83 -14.95
C ASN A 127 8.14 14.00 -14.44
N TYR A 128 9.22 13.72 -13.72
CA TYR A 128 10.07 14.79 -13.20
C TYR A 128 10.61 15.68 -14.33
N GLY A 129 10.91 15.07 -15.47
CA GLY A 129 11.46 15.78 -16.64
C GLY A 129 10.55 16.88 -17.17
N PRO A 130 9.37 16.50 -17.70
CA PRO A 130 8.47 17.51 -18.26
C PRO A 130 7.90 18.44 -17.18
N CYS A 131 7.74 17.92 -15.96
CA CYS A 131 7.27 18.77 -14.88
C CYS A 131 8.31 19.86 -14.63
N GLY A 132 9.57 19.47 -14.55
CA GLY A 132 10.65 20.42 -14.28
C GLY A 132 10.77 21.48 -15.40
N ARG A 133 10.63 21.03 -16.64
CA ARG A 133 10.61 21.94 -17.78
C ARG A 133 9.45 22.93 -17.71
N ASP A 134 8.26 22.44 -17.38
CA ASP A 134 7.08 23.32 -17.29
C ASP A 134 7.18 24.30 -16.11
N LEU A 135 7.81 23.88 -15.03
CA LEU A 135 7.93 24.73 -13.84
C LEU A 135 9.23 25.56 -13.81
N GLY A 136 10.15 25.28 -14.73
CA GLY A 136 11.46 25.95 -14.73
C GLY A 136 12.38 25.49 -13.59
N LEU A 137 12.24 24.24 -13.18
CA LEU A 137 13.08 23.70 -12.13
C LEU A 137 13.90 22.57 -12.68
N GLU A 138 15.11 22.42 -12.16
CA GLU A 138 15.94 21.29 -12.58
C GLU A 138 15.60 20.07 -11.72
N LEU A 139 14.42 19.51 -11.96
CA LEU A 139 13.93 18.40 -11.12
C LEU A 139 14.63 17.07 -11.39
N LEU A 140 15.11 16.88 -12.62
CA LEU A 140 15.89 15.68 -12.91
C LEU A 140 17.20 15.67 -12.11
N LYS A 141 17.87 16.82 -12.05
CA LYS A 141 19.16 16.89 -11.35
C LYS A 141 19.00 16.97 -9.83
N ASN A 142 17.88 17.51 -9.39
CA ASN A 142 17.66 17.67 -7.96
C ASN A 142 16.20 17.37 -7.63
N PRO A 143 15.79 16.09 -7.71
CA PRO A 143 14.37 15.78 -7.50
C PRO A 143 13.88 15.99 -6.08
N ASP A 144 14.80 16.04 -5.11
CA ASP A 144 14.40 16.28 -3.74
C ASP A 144 13.82 17.68 -3.51
N VAL A 145 14.02 18.63 -4.42
CA VAL A 145 13.36 19.91 -4.20
C VAL A 145 11.82 19.76 -4.15
N ALA A 146 11.28 18.74 -4.83
CA ALA A 146 9.81 18.49 -4.82
C ALA A 146 9.26 18.06 -3.46
N SER A 147 10.14 17.78 -2.50
CA SER A 147 9.68 17.41 -1.19
C SER A 147 10.36 18.23 -0.08
N SER A 148 11.07 19.28 -0.47
CA SER A 148 11.76 20.16 0.51
C SER A 148 11.12 21.56 0.57
N ASP A 149 10.23 21.85 -0.38
CA ASP A 149 9.60 23.15 -0.54
C ASP A 149 8.10 22.85 -0.78
N PRO A 150 7.20 23.26 0.15
CA PRO A 150 5.77 22.93 0.05
C PRO A 150 5.06 23.53 -1.17
N VAL A 151 5.52 24.71 -1.60
CA VAL A 151 4.95 25.28 -2.80
C VAL A 151 5.34 24.45 -4.01
N ILE A 152 6.63 24.12 -4.14
CA ILE A 152 7.05 23.21 -5.20
C ILE A 152 6.30 21.88 -5.14
N ALA A 153 6.19 21.30 -3.93
CA ALA A 153 5.40 20.05 -3.73
C ALA A 153 4.01 20.19 -4.35
N PHE A 154 3.28 21.24 -3.94
CA PHE A 154 1.96 21.41 -4.50
C PHE A 154 2.00 21.68 -5.99
N LYS A 155 2.98 22.47 -6.46
CA LYS A 155 3.03 22.75 -7.90
C LYS A 155 3.20 21.48 -8.75
N THR A 156 3.96 20.50 -8.24
CA THR A 156 4.15 19.22 -8.95
C THR A 156 2.81 18.47 -9.08
N ALA A 157 2.04 18.47 -7.99
CA ALA A 157 0.73 17.82 -7.97
C ALA A 157 -0.25 18.52 -8.92
N ILE A 158 -0.30 19.84 -8.87
CA ILE A 158 -1.21 20.58 -9.77
C ILE A 158 -0.75 20.44 -11.22
N TRP A 159 0.55 20.48 -11.45
CA TRP A 159 1.09 20.21 -12.79
C TRP A 159 0.52 18.90 -13.32
N PHE A 160 0.60 17.86 -12.48
CA PHE A 160 0.14 16.54 -12.90
C PHE A 160 -1.35 16.57 -13.27
N TRP A 161 -2.13 17.16 -12.36
CA TRP A 161 -3.57 17.32 -12.52
C TRP A 161 -3.96 18.01 -13.82
N MET A 162 -3.16 18.99 -14.24
CA MET A 162 -3.51 19.83 -15.39
C MET A 162 -2.98 19.30 -16.73
N THR A 163 -2.12 18.31 -16.69
CA THR A 163 -1.37 17.91 -17.90
C THR A 163 -1.90 16.62 -18.52
N PRO A 164 -2.35 16.68 -19.78
CA PRO A 164 -2.78 15.42 -20.40
C PRO A 164 -1.57 14.56 -20.75
N GLN A 165 -1.73 13.24 -20.74
CA GLN A 165 -0.65 12.34 -21.17
C GLN A 165 -1.28 11.27 -22.05
N ALA A 166 -1.43 11.61 -23.33
CA ALA A 166 -2.19 10.77 -24.28
C ALA A 166 -1.78 9.31 -24.09
N PRO A 167 -2.77 8.40 -24.07
CA PRO A 167 -4.19 8.61 -24.37
C PRO A 167 -5.04 9.18 -23.22
N LYS A 168 -4.43 9.35 -22.04
CA LYS A 168 -5.18 9.88 -20.88
C LYS A 168 -5.37 11.38 -21.04
N PRO A 169 -6.60 11.88 -20.77
CA PRO A 169 -6.84 13.32 -20.71
C PRO A 169 -6.27 13.86 -19.41
N SER A 170 -6.23 15.18 -19.23
CA SER A 170 -5.93 15.70 -17.89
C SER A 170 -7.07 15.42 -16.91
N CYS A 171 -6.70 15.22 -15.64
CA CYS A 171 -7.68 15.18 -14.56
C CYS A 171 -8.58 16.41 -14.56
N HIS A 172 -7.96 17.57 -14.78
CA HIS A 172 -8.63 18.87 -14.88
C HIS A 172 -9.75 18.82 -15.95
N ASP A 173 -9.43 18.36 -17.15
CA ASP A 173 -10.47 18.22 -18.20
C ASP A 173 -11.61 17.30 -17.83
N VAL A 174 -11.31 16.18 -17.17
CA VAL A 174 -12.39 15.28 -16.80
C VAL A 174 -13.37 15.95 -15.80
N ILE A 175 -12.82 16.49 -14.72
CA ILE A 175 -13.65 17.01 -13.64
C ILE A 175 -14.42 18.28 -14.03
N THR A 176 -13.95 18.98 -15.07
CA THR A 176 -14.58 20.23 -15.56
C THR A 176 -15.50 19.98 -16.76
N ASP A 177 -15.81 18.70 -17.01
CA ASP A 177 -16.72 18.26 -18.08
C ASP A 177 -16.24 18.72 -19.48
N GLN A 178 -14.92 18.76 -19.67
CA GLN A 178 -14.32 19.17 -20.93
C GLN A 178 -13.75 18.02 -21.74
N TRP A 179 -13.69 16.84 -21.13
CA TRP A 179 -13.12 15.68 -21.77
C TRP A 179 -14.17 15.05 -22.67
N GLU A 180 -13.81 14.80 -23.93
CA GLU A 180 -14.70 14.03 -24.80
C GLU A 180 -14.14 12.60 -25.00
N PRO A 181 -14.76 11.61 -24.35
CA PRO A 181 -14.28 10.22 -24.43
C PRO A 181 -14.33 9.66 -25.86
N SER A 182 -13.28 8.93 -26.25
CA SER A 182 -13.32 8.22 -27.53
C SER A 182 -14.32 7.07 -27.42
N ALA A 183 -14.70 6.49 -28.56
CA ALA A 183 -15.58 5.34 -28.55
C ALA A 183 -14.91 4.12 -27.86
N ALA A 184 -13.58 4.07 -27.93
CA ALA A 184 -12.84 3.04 -27.18
C ALA A 184 -12.98 3.25 -25.68
N ASP A 185 -12.90 4.51 -25.25
CA ASP A 185 -13.14 4.84 -23.83
C ASP A 185 -14.52 4.34 -23.40
N ILE A 186 -15.54 4.61 -24.22
CA ILE A 186 -16.91 4.20 -23.86
C ILE A 186 -17.07 2.69 -23.82
N SER A 187 -16.57 1.99 -24.84
CA SER A 187 -16.70 0.55 -24.82
C SER A 187 -15.90 -0.06 -23.66
N ALA A 188 -14.86 0.65 -23.22
CA ALA A 188 -14.08 0.25 -22.06
C ALA A 188 -14.69 0.65 -20.71
N GLY A 189 -15.85 1.30 -20.72
CA GLY A 189 -16.54 1.76 -19.51
C GLY A 189 -15.95 2.99 -18.83
N ARG A 190 -15.04 3.68 -19.52
CA ARG A 190 -14.43 4.92 -19.03
C ARG A 190 -15.33 6.11 -19.34
N LEU A 191 -16.34 6.29 -18.48
CA LEU A 191 -17.30 7.37 -18.61
C LEU A 191 -16.86 8.50 -17.68
N PRO A 192 -17.14 9.77 -18.05
CA PRO A 192 -16.59 10.89 -17.28
C PRO A 192 -17.11 10.88 -15.85
N GLY A 193 -16.19 11.09 -14.92
CA GLY A 193 -16.47 10.88 -13.51
C GLY A 193 -15.17 10.73 -12.75
N TYR A 194 -15.30 10.71 -11.42
CA TYR A 194 -14.12 10.57 -10.57
C TYR A 194 -13.39 9.24 -10.83
N GLY A 195 -14.12 8.22 -11.28
CA GLY A 195 -13.56 6.90 -11.57
C GLY A 195 -12.49 6.99 -12.66
N VAL A 196 -12.76 7.76 -13.70
CA VAL A 196 -11.76 7.98 -14.76
C VAL A 196 -10.51 8.68 -14.22
N ILE A 197 -10.70 9.54 -13.23
CA ILE A 197 -9.59 10.28 -12.63
C ILE A 197 -8.68 9.28 -11.89
N THR A 198 -9.30 8.39 -11.11
CA THR A 198 -8.55 7.28 -10.49
C THR A 198 -7.78 6.50 -11.56
N ASN A 199 -8.44 6.22 -12.68
CA ASN A 199 -7.86 5.50 -13.78
C ASN A 199 -6.61 6.21 -14.36
N ILE A 200 -6.72 7.52 -14.56
CA ILE A 200 -5.61 8.34 -15.03
C ILE A 200 -4.43 8.24 -14.08
N ILE A 201 -4.71 8.28 -12.79
CA ILE A 201 -3.63 8.40 -11.81
C ILE A 201 -2.91 7.05 -11.61
N ASN A 202 -3.67 5.95 -11.51
CA ASN A 202 -3.07 4.64 -11.22
C ASN A 202 -3.93 3.46 -11.67
N GLY A 203 -4.65 3.62 -12.77
CA GLY A 203 -5.62 2.62 -13.16
C GLY A 203 -5.04 1.25 -13.41
N GLY A 204 -3.81 1.18 -13.93
CA GLY A 204 -3.18 -0.09 -14.23
C GLY A 204 -3.04 -1.00 -13.03
N LEU A 205 -2.87 -0.38 -11.84
CA LEU A 205 -2.68 -1.16 -10.62
C LEU A 205 -3.91 -1.19 -9.70
N GLU A 206 -5.01 -0.55 -10.11
CA GLU A 206 -6.15 -0.38 -9.22
C GLU A 206 -7.52 -0.61 -9.83
N CYS A 207 -7.68 -0.19 -11.08
CA CYS A 207 -9.01 -0.23 -11.70
C CYS A 207 -9.40 -1.62 -12.22
N ALA A 208 -10.60 -1.75 -12.80
CA ALA A 208 -11.09 -3.06 -13.27
C ALA A 208 -11.11 -4.08 -12.12
N GLY A 209 -11.29 -3.60 -10.90
CA GLY A 209 -11.32 -4.47 -9.71
C GLY A 209 -9.97 -4.99 -9.23
N ARG A 210 -8.87 -4.47 -9.78
CA ARG A 210 -7.54 -4.95 -9.42
C ARG A 210 -7.11 -4.60 -8.00
N ASP A 211 -7.61 -3.49 -7.47
CA ASP A 211 -7.36 -3.12 -6.05
C ASP A 211 -8.51 -2.27 -5.51
N VAL A 212 -9.61 -2.95 -5.24
CA VAL A 212 -10.85 -2.32 -4.75
C VAL A 212 -10.55 -1.48 -3.52
N ALA A 213 -9.68 -1.98 -2.64
CA ALA A 213 -9.39 -1.25 -1.41
C ALA A 213 -8.87 0.18 -1.64
N LYS A 214 -7.92 0.33 -2.58
CA LYS A 214 -7.33 1.65 -2.86
C LYS A 214 -8.36 2.55 -3.50
N VAL A 215 -9.17 1.99 -4.39
CA VAL A 215 -10.17 2.79 -5.08
C VAL A 215 -11.20 3.29 -4.09
N GLN A 216 -11.66 2.42 -3.20
CA GLN A 216 -12.59 2.81 -2.15
C GLN A 216 -12.03 3.92 -1.26
N ASP A 217 -10.73 3.88 -0.98
CA ASP A 217 -10.13 4.93 -0.18
C ASP A 217 -10.14 6.29 -0.91
N ARG A 218 -9.77 6.29 -2.20
CA ARG A 218 -9.89 7.51 -3.04
C ARG A 218 -11.31 8.07 -2.97
N ILE A 219 -12.30 7.18 -3.12
CA ILE A 219 -13.71 7.62 -3.14
C ILE A 219 -14.13 8.18 -1.79
N SER A 220 -13.73 7.56 -0.68
CA SER A 220 -14.11 8.05 0.65
CA SER A 220 -14.12 8.06 0.63
C SER A 220 -13.60 9.47 0.94
N PHE A 221 -12.35 9.76 0.55
CA PHE A 221 -11.85 11.11 0.72
C PHE A 221 -12.69 12.07 -0.11
N TYR A 222 -12.89 11.73 -1.37
CA TYR A 222 -13.65 12.57 -2.27
C TYR A 222 -15.08 12.89 -1.79
N THR A 223 -15.83 11.89 -1.36
CA THR A 223 -17.22 12.12 -0.94
C THR A 223 -17.23 12.93 0.36
N ARG A 224 -16.27 12.68 1.25
CA ARG A 224 -16.17 13.52 2.46
C ARG A 224 -16.00 14.98 2.11
N TYR A 225 -15.08 15.24 1.19
CA TYR A 225 -14.76 16.59 0.79
C TYR A 225 -15.93 17.22 0.02
N CYS A 226 -16.58 16.46 -0.85
CA CYS A 226 -17.77 17.00 -1.52
C CYS A 226 -18.81 17.44 -0.49
N GLY A 227 -19.00 16.64 0.54
CA GLY A 227 -20.00 16.93 1.60
C GLY A 227 -19.65 18.22 2.32
N MET A 228 -18.36 18.41 2.57
CA MET A 228 -17.87 19.63 3.19
C MET A 228 -18.04 20.91 2.34
N PHE A 229 -17.87 20.78 1.02
CA PHE A 229 -18.06 21.88 0.09
C PHE A 229 -19.51 22.03 -0.31
N GLY A 230 -20.34 21.04 0.02
CA GLY A 230 -21.76 21.05 -0.33
C GLY A 230 -22.00 20.89 -1.83
N VAL A 231 -21.14 20.09 -2.47
CA VAL A 231 -21.34 19.71 -3.87
C VAL A 231 -21.60 18.20 -4.05
N ASP A 232 -22.18 17.86 -5.20
CA ASP A 232 -22.46 16.48 -5.59
C ASP A 232 -21.22 15.83 -6.23
N PRO A 233 -20.81 14.66 -5.69
CA PRO A 233 -19.67 13.87 -6.18
C PRO A 233 -19.85 13.39 -7.62
N GLY A 234 -21.11 13.12 -8.01
CA GLY A 234 -21.41 12.73 -9.38
C GLY A 234 -21.49 11.23 -9.58
N SER A 235 -21.83 10.80 -10.79
CA SER A 235 -21.89 9.37 -11.03
C SER A 235 -20.54 8.89 -11.63
N ASN A 236 -20.47 7.60 -11.94
CA ASN A 236 -19.24 6.97 -12.44
C ASN A 236 -18.07 7.31 -11.52
N ILE A 237 -18.31 7.12 -10.23
CA ILE A 237 -17.36 7.50 -9.19
C ILE A 237 -16.30 6.43 -8.97
N ASP A 238 -16.64 5.17 -9.34
CA ASP A 238 -15.80 3.99 -9.13
C ASP A 238 -15.21 3.57 -10.49
N CYS A 239 -14.19 2.71 -10.49
CA CYS A 239 -13.60 2.29 -11.76
C CYS A 239 -13.52 0.78 -11.85
N ASP A 240 -14.28 0.10 -11.01
CA ASP A 240 -14.21 -1.35 -11.02
C ASP A 240 -14.73 -1.97 -12.32
N ASN A 241 -15.52 -1.22 -13.09
CA ASN A 241 -16.01 -1.73 -14.37
C ASN A 241 -15.42 -0.96 -15.56
N GLN A 242 -14.23 -0.39 -15.34
CA GLN A 242 -13.48 0.33 -16.38
C GLN A 242 -12.19 -0.42 -16.70
N ARG A 243 -11.84 -0.58 -17.97
CA ARG A 243 -10.49 -1.05 -18.34
C ARG A 243 -9.49 0.06 -18.09
N PRO A 244 -8.28 -0.29 -17.61
CA PRO A 244 -7.25 0.74 -17.53
C PRO A 244 -6.91 1.40 -18.87
N PHE A 245 -6.50 2.67 -18.85
CA PHE A 245 -5.94 3.30 -20.05
C PHE A 245 -4.65 2.59 -20.46
N ASN A 246 -4.39 2.53 -21.77
CA ASN A 246 -3.05 2.20 -22.33
C ASN A 246 -2.98 2.40 -23.85
N ASP B 3 -0.21 -33.09 12.24
CA ASP B 3 -1.10 -32.45 13.25
C ASP B 3 -1.93 -31.30 12.67
N LEU B 4 -2.06 -30.27 13.51
CA LEU B 4 -2.72 -29.01 13.21
C LEU B 4 -4.25 -29.04 13.12
N SER B 5 -4.82 -30.02 12.41
CA SER B 5 -6.29 -30.06 12.28
C SER B 5 -7.02 -30.18 13.64
N GLY B 6 -6.27 -30.45 14.70
CA GLY B 6 -6.84 -30.35 16.05
C GLY B 6 -6.77 -28.95 16.62
N ILE B 7 -5.80 -28.17 16.13
CA ILE B 7 -5.59 -26.78 16.56
C ILE B 7 -6.51 -25.84 15.81
N ILE B 8 -6.68 -26.11 14.52
CA ILE B 8 -7.46 -25.25 13.67
C ILE B 8 -8.29 -26.13 12.73
N SER B 9 -9.60 -26.00 12.83
CA SER B 9 -10.48 -26.85 12.03
C SER B 9 -10.75 -26.19 10.71
N ARG B 10 -11.30 -26.95 9.77
CA ARG B 10 -11.76 -26.40 8.50
C ARG B 10 -12.74 -25.25 8.71
N ASP B 11 -13.69 -25.43 9.62
CA ASP B 11 -14.74 -24.41 9.83
C ASP B 11 -14.10 -23.13 10.31
N GLN B 12 -13.14 -23.25 11.20
CA GLN B 12 -12.41 -22.09 11.67
C GLN B 12 -11.63 -21.35 10.55
N PHE B 13 -10.94 -22.11 9.70
CA PHE B 13 -10.11 -21.57 8.64
C PHE B 13 -10.96 -20.71 7.71
N TYR B 14 -12.09 -21.25 7.24
CA TYR B 14 -12.94 -20.46 6.35
C TYR B 14 -13.78 -19.36 7.02
N LYS B 15 -13.98 -19.47 8.34
CA LYS B 15 -14.59 -18.37 9.08
C LYS B 15 -13.59 -17.22 9.19
N MET B 16 -12.33 -17.55 9.45
CA MET B 16 -11.30 -16.52 9.49
C MET B 16 -11.21 -15.86 8.11
N LEU B 17 -11.16 -16.69 7.07
CA LEU B 17 -10.90 -16.21 5.73
C LEU B 17 -12.21 -16.12 4.95
N LYS B 18 -13.18 -15.40 5.51
CA LYS B 18 -14.57 -15.48 5.01
C LYS B 18 -14.87 -14.71 3.72
N HIS B 19 -13.96 -13.84 3.29
CA HIS B 19 -14.13 -13.14 2.01
C HIS B 19 -13.17 -13.58 0.90
N MET B 20 -12.26 -14.51 1.19
CA MET B 20 -11.27 -14.84 0.15
C MET B 20 -11.87 -15.52 -1.09
N ASN B 21 -13.07 -16.08 -0.96
CA ASN B 21 -13.69 -16.76 -2.09
C ASN B 21 -14.78 -15.91 -2.75
N ASP B 22 -14.82 -14.63 -2.37
CA ASP B 22 -15.75 -13.65 -2.97
C ASP B 22 -15.24 -13.20 -4.34
N ASN B 23 -16.17 -12.78 -5.22
CA ASN B 23 -15.84 -12.22 -6.54
C ASN B 23 -14.82 -11.08 -6.56
N ASP B 24 -14.88 -10.19 -5.58
CA ASP B 24 -13.95 -9.07 -5.48
C ASP B 24 -12.52 -9.53 -5.21
N CYS B 25 -12.34 -10.79 -4.80
CA CYS B 25 -10.99 -11.31 -4.51
C CYS B 25 -10.33 -11.98 -5.72
N HIS B 26 -9.03 -12.30 -5.59
CA HIS B 26 -8.22 -12.59 -6.79
C HIS B 26 -7.54 -13.95 -6.78
N ALA B 27 -7.71 -14.67 -5.68
CA ALA B 27 -7.20 -16.02 -5.57
C ALA B 27 -8.36 -16.93 -5.14
N VAL B 28 -9.54 -16.72 -5.72
CA VAL B 28 -10.72 -17.55 -5.39
C VAL B 28 -10.42 -19.03 -5.56
N GLY B 29 -10.61 -19.78 -4.48
CA GLY B 29 -10.47 -21.24 -4.51
C GLY B 29 -9.05 -21.71 -4.45
N PHE B 30 -8.09 -20.77 -4.35
CA PHE B 30 -6.66 -21.15 -4.40
C PHE B 30 -6.16 -21.64 -3.06
N PHE B 31 -6.33 -20.81 -2.03
CA PHE B 31 -5.83 -21.16 -0.72
C PHE B 31 -6.86 -22.04 -0.02
N THR B 32 -6.60 -23.33 0.04
CA THR B 32 -7.52 -24.24 0.71
C THR B 32 -7.01 -24.71 2.07
N TYR B 33 -7.94 -25.14 2.90
CA TYR B 33 -7.60 -25.71 4.18
C TYR B 33 -6.74 -26.99 3.98
N ASP B 34 -7.13 -27.82 3.02
CA ASP B 34 -6.33 -28.98 2.64
C ASP B 34 -4.88 -28.60 2.30
N ALA B 35 -4.68 -27.57 1.47
CA ALA B 35 -3.32 -27.09 1.16
C ALA B 35 -2.57 -26.67 2.42
N PHE B 36 -3.26 -25.98 3.32
CA PHE B 36 -2.60 -25.48 4.54
C PHE B 36 -2.11 -26.63 5.41
N ILE B 37 -3.02 -27.56 5.64
CA ILE B 37 -2.69 -28.71 6.50
C ILE B 37 -1.53 -29.52 5.91
N THR B 38 -1.60 -29.77 4.61
CA THR B 38 -0.54 -30.45 3.87
C THR B 38 0.82 -29.78 4.00
N ALA B 39 0.88 -28.46 3.74
CA ALA B 39 2.10 -27.68 3.81
C ALA B 39 2.69 -27.73 5.21
N ALA B 40 1.82 -27.65 6.22
CA ALA B 40 2.24 -27.61 7.64
C ALA B 40 3.00 -28.88 8.03
N LYS B 41 2.63 -29.99 7.44
CA LYS B 41 3.36 -31.24 7.72
C LYS B 41 4.84 -31.19 7.44
N SER B 42 5.26 -30.25 6.60
CA SER B 42 6.67 -30.11 6.28
C SER B 42 7.47 -29.37 7.33
N PHE B 43 6.78 -28.78 8.33
CA PHE B 43 7.40 -28.08 9.45
C PHE B 43 6.72 -28.61 10.70
N PRO B 44 7.08 -29.82 11.14
CA PRO B 44 6.38 -30.43 12.26
C PRO B 44 6.26 -29.60 13.53
N SER B 45 7.22 -28.73 13.83
CA SER B 45 7.12 -27.96 15.07
C SER B 45 6.14 -26.76 15.01
N PHE B 46 5.83 -26.31 13.79
CA PHE B 46 4.91 -25.19 13.57
C PHE B 46 3.52 -25.55 14.10
N GLY B 47 3.01 -24.74 15.02
CA GLY B 47 1.70 -24.94 15.63
C GLY B 47 1.67 -26.20 16.49
N ASN B 48 2.84 -26.76 16.78
CA ASN B 48 2.98 -27.98 17.58
C ASN B 48 4.00 -27.81 18.70
N THR B 49 4.29 -26.56 19.04
CA THR B 49 5.26 -26.26 20.11
C THR B 49 4.58 -25.57 21.29
N GLY B 50 4.83 -26.08 22.49
CA GLY B 50 4.22 -25.54 23.71
C GLY B 50 2.85 -26.10 24.02
N ASP B 51 2.18 -25.45 24.96
CA ASP B 51 0.83 -25.90 25.31
C ASP B 51 -0.17 -25.53 24.20
N LEU B 52 -1.36 -26.13 24.28
CA LEU B 52 -2.42 -25.92 23.29
C LEU B 52 -2.66 -24.42 23.00
N ALA B 53 -2.60 -23.60 24.05
CA ALA B 53 -2.76 -22.16 23.91
C ALA B 53 -1.63 -21.47 23.13
N MET B 54 -0.38 -21.78 23.47
CA MET B 54 0.78 -21.26 22.73
C MET B 54 0.65 -21.59 21.25
N ARG B 55 0.23 -22.81 20.97
CA ARG B 55 0.05 -23.31 19.63
C ARG B 55 -1.06 -22.53 18.89
N LYS B 56 -2.20 -22.33 19.55
CA LYS B 56 -3.28 -21.50 19.00
C LYS B 56 -2.80 -20.09 18.74
N LYS B 57 -2.04 -19.52 19.68
CA LYS B 57 -1.46 -18.17 19.52
C LYS B 57 -0.52 -18.08 18.30
N GLU B 58 0.31 -19.11 18.10
CA GLU B 58 1.18 -19.19 16.92
C GLU B 58 0.38 -19.18 15.63
N ILE B 59 -0.68 -19.97 15.60
CA ILE B 59 -1.50 -20.03 14.39
C ILE B 59 -2.17 -18.67 14.17
N ALA B 60 -2.69 -18.08 15.24
CA ALA B 60 -3.34 -16.77 15.12
C ALA B 60 -2.37 -15.65 14.64
N ALA B 61 -1.16 -15.63 15.19
CA ALA B 61 -0.12 -14.67 14.77
C ALA B 61 0.29 -14.91 13.31
N PHE B 62 0.45 -16.18 12.91
CA PHE B 62 0.78 -16.54 11.52
C PHE B 62 -0.28 -16.07 10.55
N PHE B 63 -1.54 -16.36 10.86
CA PHE B 63 -2.62 -15.84 10.01
C PHE B 63 -2.78 -14.32 10.11
N GLY B 64 -2.49 -13.72 11.26
CA GLY B 64 -2.64 -12.26 11.44
C GLY B 64 -1.70 -11.58 10.46
N GLN B 65 -0.46 -12.05 10.41
CA GLN B 65 0.56 -11.46 9.57
C GLN B 65 0.33 -11.74 8.10
N THR B 66 0.02 -12.99 7.76
CA THR B 66 -0.16 -13.34 6.34
C THR B 66 -1.49 -12.79 5.81
N SER B 67 -2.49 -12.61 6.68
CA SER B 67 -3.74 -11.98 6.19
C SER B 67 -3.46 -10.56 5.78
N HIS B 68 -2.58 -9.88 6.54
CA HIS B 68 -2.22 -8.50 6.17
C HIS B 68 -1.49 -8.47 4.84
N GLU B 69 -0.53 -9.38 4.68
CA GLU B 69 0.31 -9.39 3.48
C GLU B 69 -0.55 -9.60 2.22
N THR B 70 -1.67 -10.32 2.38
CA THR B 70 -2.53 -10.71 1.26
C THR B 70 -3.86 -9.94 1.28
N THR B 71 -3.98 -8.92 2.13
CA THR B 71 -5.31 -8.34 2.37
C THR B 71 -5.94 -7.66 1.14
N GLY B 72 -7.26 -7.78 1.07
CA GLY B 72 -8.09 -7.03 0.12
C GLY B 72 -8.95 -5.99 0.83
N GLY B 73 -8.74 -5.82 2.14
CA GLY B 73 -9.65 -5.03 2.97
C GLY B 73 -9.48 -3.52 2.88
N TRP B 74 -10.54 -2.79 3.18
CA TRP B 74 -10.51 -1.33 3.26
C TRP B 74 -11.44 -0.92 4.36
N SER B 75 -11.33 0.34 4.77
CA SER B 75 -12.14 0.85 5.87
CA SER B 75 -12.14 0.82 5.87
C SER B 75 -13.60 0.75 5.48
N GLY B 76 -14.38 0.02 6.28
CA GLY B 76 -15.79 -0.19 6.01
C GLY B 76 -16.14 -1.30 5.06
N ALA B 77 -15.16 -2.17 4.74
CA ALA B 77 -15.46 -3.32 3.87
C ALA B 77 -16.49 -4.21 4.57
N PRO B 78 -17.29 -4.96 3.80
CA PRO B 78 -18.24 -5.87 4.44
C PRO B 78 -17.60 -6.70 5.56
N ASP B 79 -18.17 -6.59 6.75
CA ASP B 79 -17.79 -7.38 7.92
C ASP B 79 -16.51 -6.86 8.59
N GLY B 80 -15.92 -5.82 8.00
CA GLY B 80 -14.76 -5.14 8.58
C GLY B 80 -13.53 -5.52 7.77
N ALA B 81 -12.59 -4.58 7.68
CA ALA B 81 -11.31 -4.77 6.96
C ALA B 81 -10.57 -6.06 7.40
N ASN B 82 -10.68 -6.42 8.69
CA ASN B 82 -9.97 -7.59 9.20
C ASN B 82 -10.66 -8.94 8.91
N THR B 83 -11.58 -8.93 7.94
CA THR B 83 -12.12 -10.18 7.41
C THR B 83 -11.71 -10.44 5.94
N TRP B 84 -10.77 -9.66 5.42
CA TRP B 84 -10.47 -9.70 3.99
C TRP B 84 -9.08 -10.26 3.69
N GLY B 85 -8.62 -11.16 4.57
CA GLY B 85 -7.29 -11.77 4.41
C GLY B 85 -7.33 -12.69 3.21
N TYR B 86 -6.16 -12.95 2.62
CA TYR B 86 -6.00 -13.96 1.56
C TYR B 86 -6.77 -13.62 0.26
N CYS B 87 -6.91 -12.33 0.01
CA CYS B 87 -7.57 -11.83 -1.19
C CYS B 87 -6.65 -11.95 -2.42
N TYR B 88 -5.33 -11.89 -2.19
CA TYR B 88 -4.32 -12.00 -3.26
C TYR B 88 -3.39 -13.16 -3.00
N LYS B 89 -2.85 -13.76 -4.06
CA LYS B 89 -1.83 -14.80 -3.91
C LYS B 89 -0.46 -14.36 -4.41
N GLU B 90 -0.42 -13.20 -5.06
CA GLU B 90 0.83 -12.61 -5.53
C GLU B 90 0.69 -11.11 -5.70
N ALA B 91 1.82 -10.42 -5.86
CA ALA B 91 1.88 -8.98 -6.13
C ALA B 91 1.01 -8.57 -7.31
N ILE B 92 0.41 -7.39 -7.23
CA ILE B 92 -0.29 -6.81 -8.36
C ILE B 92 0.73 -6.27 -9.35
N ASP B 93 1.75 -5.55 -8.84
CA ASP B 93 2.80 -5.02 -9.71
C ASP B 93 3.92 -6.06 -9.92
N LYS B 94 3.97 -6.59 -11.13
CA LYS B 94 4.86 -7.71 -11.46
C LYS B 94 5.98 -7.29 -12.42
N SER B 95 6.11 -5.98 -12.59
CA SER B 95 7.07 -5.39 -13.52
C SER B 95 8.54 -5.55 -13.12
N ASP B 96 8.79 -5.58 -11.81
CA ASP B 96 10.14 -5.61 -11.24
C ASP B 96 10.51 -7.06 -10.92
N PRO B 97 11.65 -7.54 -11.48
CA PRO B 97 12.05 -8.93 -11.17
C PRO B 97 12.55 -9.15 -9.74
N HIS B 98 12.78 -8.07 -8.99
CA HIS B 98 13.31 -8.17 -7.61
C HIS B 98 14.56 -9.06 -7.61
N CYS B 99 15.50 -8.69 -8.46
CA CYS B 99 16.73 -9.42 -8.54
C CYS B 99 17.87 -8.56 -7.98
N ASP B 100 18.52 -9.06 -6.94
CA ASP B 100 19.77 -8.46 -6.46
C ASP B 100 20.94 -9.16 -7.13
N SER B 101 21.50 -8.53 -8.16
CA SER B 101 22.60 -9.13 -8.95
C SER B 101 23.92 -9.27 -8.18
N ASN B 102 23.93 -8.76 -6.94
CA ASN B 102 25.13 -8.83 -6.12
C ASN B 102 25.17 -10.08 -5.23
N ASN B 103 24.27 -11.02 -5.52
CA ASN B 103 24.29 -12.34 -4.87
C ASN B 103 24.98 -13.42 -5.67
N LEU B 104 26.13 -13.84 -5.17
CA LEU B 104 26.84 -14.99 -5.71
C LEU B 104 26.24 -16.25 -5.11
N GLU B 105 25.63 -16.11 -3.93
CA GLU B 105 25.00 -17.25 -3.25
C GLU B 105 23.73 -17.64 -3.98
N TRP B 106 22.96 -16.62 -4.38
CA TRP B 106 21.63 -16.84 -4.96
C TRP B 106 21.45 -16.10 -6.28
N PRO B 107 22.10 -16.59 -7.35
CA PRO B 107 22.00 -15.84 -8.59
C PRO B 107 20.59 -15.91 -9.20
N CYS B 108 20.17 -14.78 -9.75
CA CYS B 108 18.87 -14.67 -10.41
C CYS B 108 18.87 -15.48 -11.67
N ALA B 109 17.80 -16.23 -11.91
CA ALA B 109 17.67 -17.02 -13.11
C ALA B 109 17.18 -16.10 -14.24
N PRO B 110 17.86 -16.12 -15.42
CA PRO B 110 17.45 -15.29 -16.56
C PRO B 110 15.94 -15.34 -16.86
N GLY B 111 15.33 -14.16 -16.98
CA GLY B 111 13.91 -14.00 -17.34
C GLY B 111 12.92 -14.42 -16.26
N LYS B 112 13.41 -14.60 -15.03
CA LYS B 112 12.52 -14.92 -13.90
C LYS B 112 12.29 -13.74 -13.00
N PHE B 113 11.16 -13.75 -12.29
CA PHE B 113 10.71 -12.63 -11.47
C PHE B 113 10.51 -13.09 -10.05
N TYR B 114 11.05 -12.32 -9.11
CA TYR B 114 10.93 -12.64 -7.71
C TYR B 114 10.10 -11.61 -6.95
N TYR B 115 8.99 -11.21 -7.56
CA TYR B 115 8.01 -10.37 -6.87
C TYR B 115 7.25 -11.18 -5.83
N GLY B 116 6.48 -10.49 -5.00
CA GLY B 116 5.80 -11.14 -3.89
C GLY B 116 4.91 -12.29 -4.31
N ARG B 117 5.07 -13.43 -3.66
CA ARG B 117 4.19 -14.59 -3.87
C ARG B 117 3.84 -15.30 -2.58
N GLY B 118 2.61 -15.79 -2.54
CA GLY B 118 2.16 -16.55 -1.40
C GLY B 118 1.78 -15.70 -0.19
N PRO B 119 1.32 -16.39 0.87
CA PRO B 119 0.77 -15.71 2.04
C PRO B 119 1.72 -14.75 2.72
N MET B 120 3.03 -14.95 2.58
CA MET B 120 3.96 -14.05 3.22
C MET B 120 4.57 -13.13 2.16
N MET B 121 4.03 -13.20 0.93
CA MET B 121 4.53 -12.36 -0.16
C MET B 121 6.07 -12.37 -0.29
N LEU B 122 6.61 -13.60 -0.33
CA LEU B 122 8.02 -13.88 -0.49
C LEU B 122 8.55 -13.11 -1.70
N SER B 123 9.65 -12.38 -1.50
CA SER B 123 10.21 -11.48 -2.54
CA SER B 123 10.22 -11.58 -2.59
C SER B 123 11.74 -11.59 -2.58
N TRP B 124 12.33 -11.43 -3.76
CA TRP B 124 13.81 -11.33 -3.95
C TRP B 124 14.51 -12.67 -4.10
N ASN B 125 15.51 -12.73 -4.99
CA ASN B 125 16.24 -13.96 -5.23
C ASN B 125 16.88 -14.48 -3.94
N TYR B 126 17.32 -13.56 -3.09
CA TYR B 126 17.96 -13.94 -1.84
C TYR B 126 16.99 -14.47 -0.78
N ASN B 127 15.69 -14.41 -1.05
CA ASN B 127 14.73 -15.21 -0.27
C ASN B 127 14.25 -16.48 -0.97
N TYR B 128 13.96 -16.40 -2.26
CA TYR B 128 13.55 -17.62 -2.97
C TYR B 128 14.65 -18.71 -2.96
N GLY B 129 15.91 -18.29 -3.01
CA GLY B 129 16.99 -19.27 -2.99
C GLY B 129 17.05 -20.14 -1.72
N PRO B 130 17.23 -19.52 -0.55
CA PRO B 130 17.30 -20.30 0.69
C PRO B 130 15.98 -21.00 1.00
N CYS B 131 14.86 -20.38 0.63
CA CYS B 131 13.56 -21.03 0.82
C CYS B 131 13.54 -22.34 0.00
N GLY B 132 13.93 -22.25 -1.28
CA GLY B 132 13.96 -23.39 -2.16
C GLY B 132 14.91 -24.45 -1.60
N ARG B 133 16.09 -24.04 -1.16
CA ARG B 133 17.04 -24.98 -0.54
C ARG B 133 16.42 -25.70 0.65
N ASP B 134 15.76 -24.95 1.53
CA ASP B 134 15.19 -25.52 2.76
C ASP B 134 13.92 -26.38 2.54
N LEU B 135 13.23 -26.17 1.40
CA LEU B 135 12.03 -26.96 1.06
C LEU B 135 12.34 -28.09 0.09
N GLY B 136 13.56 -28.10 -0.46
CA GLY B 136 13.95 -29.11 -1.44
C GLY B 136 13.17 -28.90 -2.73
N LEU B 137 13.08 -27.64 -3.13
CA LEU B 137 12.38 -27.23 -4.35
C LEU B 137 13.23 -26.24 -5.12
N GLU B 138 13.11 -26.23 -6.44
CA GLU B 138 13.92 -25.34 -7.28
C GLU B 138 13.26 -23.98 -7.48
N LEU B 139 13.05 -23.27 -6.37
CA LEU B 139 12.35 -21.99 -6.37
C LEU B 139 13.10 -20.85 -7.03
N LEU B 140 14.42 -20.83 -6.90
CA LEU B 140 15.22 -19.79 -7.55
C LEU B 140 15.09 -19.91 -9.07
N LYS B 141 15.14 -21.15 -9.58
CA LYS B 141 14.99 -21.38 -11.03
C LYS B 141 13.55 -21.28 -11.52
N ASN B 142 12.60 -21.69 -10.68
CA ASN B 142 11.19 -21.71 -11.07
C ASN B 142 10.32 -21.03 -10.01
N PRO B 143 10.50 -19.73 -9.82
CA PRO B 143 9.76 -19.05 -8.73
C PRO B 143 8.23 -19.09 -8.87
N ASP B 144 7.73 -19.14 -10.10
CA ASP B 144 6.30 -19.04 -10.32
C ASP B 144 5.49 -20.22 -9.73
N VAL B 145 6.17 -21.29 -9.34
CA VAL B 145 5.46 -22.42 -8.69
C VAL B 145 4.81 -22.02 -7.37
N ALA B 146 5.34 -20.98 -6.75
CA ALA B 146 4.82 -20.49 -5.46
C ALA B 146 3.48 -19.78 -5.62
N SER B 147 3.07 -19.50 -6.85
CA SER B 147 1.72 -18.97 -7.04
C SER B 147 0.82 -19.85 -7.92
N SER B 148 1.33 -21.03 -8.30
CA SER B 148 0.55 -21.95 -9.10
C SER B 148 0.11 -23.14 -8.27
N ASP B 149 0.82 -23.41 -7.17
CA ASP B 149 0.61 -24.58 -6.34
C ASP B 149 0.34 -24.13 -4.90
N PRO B 150 -0.90 -24.31 -4.40
CA PRO B 150 -1.19 -23.76 -3.06
C PRO B 150 -0.41 -24.39 -1.93
N VAL B 151 -0.05 -25.68 -2.05
CA VAL B 151 0.79 -26.30 -1.01
C VAL B 151 2.16 -25.60 -0.96
N ILE B 152 2.77 -25.40 -2.12
CA ILE B 152 4.05 -24.69 -2.19
C ILE B 152 3.85 -23.26 -1.66
N ALA B 153 2.75 -22.62 -2.03
CA ALA B 153 2.51 -21.23 -1.57
C ALA B 153 2.51 -21.17 -0.04
N PHE B 154 1.76 -22.06 0.59
CA PHE B 154 1.79 -22.11 2.02
C PHE B 154 3.16 -22.48 2.60
N LYS B 155 3.85 -23.44 1.97
CA LYS B 155 5.19 -23.85 2.47
C LYS B 155 6.14 -22.66 2.52
N THR B 156 6.07 -21.78 1.52
CA THR B 156 6.98 -20.62 1.50
C THR B 156 6.75 -19.68 2.70
N ALA B 157 5.48 -19.55 3.12
CA ALA B 157 5.07 -18.64 4.18
C ALA B 157 5.51 -19.25 5.49
N ILE B 158 5.30 -20.56 5.60
CA ILE B 158 5.68 -21.24 6.82
C ILE B 158 7.20 -21.29 6.90
N TRP B 159 7.89 -21.47 5.76
CA TRP B 159 9.36 -21.38 5.74
C TRP B 159 9.82 -20.03 6.33
N PHE B 160 9.22 -18.95 5.86
CA PHE B 160 9.61 -17.61 6.35
C PHE B 160 9.41 -17.53 7.88
N TRP B 161 8.26 -17.98 8.32
CA TRP B 161 7.87 -17.94 9.74
C TRP B 161 8.85 -18.69 10.64
N MET B 162 9.33 -19.81 10.11
CA MET B 162 10.14 -20.79 10.86
C MET B 162 11.65 -20.54 10.78
N THR B 163 12.08 -19.60 9.93
CA THR B 163 13.51 -19.47 9.61
C THR B 163 14.13 -18.20 10.14
N PRO B 164 15.17 -18.33 10.99
CA PRO B 164 15.88 -17.13 11.42
C PRO B 164 16.69 -16.53 10.28
N GLN B 165 16.87 -15.23 10.33
CA GLN B 165 17.72 -14.51 9.37
C GLN B 165 18.40 -13.41 10.14
N ALA B 166 19.57 -13.72 10.69
CA ALA B 166 20.25 -12.90 11.71
C ALA B 166 20.42 -11.46 11.25
N PRO B 167 20.25 -10.49 12.18
CA PRO B 167 20.02 -10.65 13.63
C PRO B 167 18.57 -11.00 14.03
N LYS B 168 17.71 -11.21 13.04
CA LYS B 168 16.30 -11.48 13.30
C LYS B 168 16.14 -12.93 13.75
N PRO B 169 15.44 -13.15 14.88
CA PRO B 169 15.14 -14.56 15.15
C PRO B 169 13.97 -14.95 14.26
N SER B 170 13.51 -16.19 14.37
CA SER B 170 12.31 -16.59 13.62
C SER B 170 11.09 -16.09 14.37
N CYS B 171 10.01 -15.86 13.64
CA CYS B 171 8.72 -15.56 14.25
C CYS B 171 8.27 -16.71 15.16
N HIS B 172 8.55 -17.95 14.73
CA HIS B 172 8.26 -19.14 15.54
C HIS B 172 8.91 -19.05 16.92
N ASP B 173 10.18 -18.68 16.98
CA ASP B 173 10.90 -18.61 18.25
C ASP B 173 10.39 -17.51 19.15
N VAL B 174 9.99 -16.38 18.56
CA VAL B 174 9.41 -15.29 19.34
C VAL B 174 8.07 -15.73 19.96
N ILE B 175 7.17 -16.25 19.13
CA ILE B 175 5.81 -16.50 19.56
C ILE B 175 5.75 -17.71 20.50
N THR B 176 6.76 -18.58 20.44
CA THR B 176 6.81 -19.80 21.26
C THR B 176 7.73 -19.63 22.47
N ASP B 177 8.09 -18.38 22.79
CA ASP B 177 8.85 -18.05 24.00
C ASP B 177 10.24 -18.67 24.03
N GLN B 178 10.81 -18.91 22.86
CA GLN B 178 12.13 -19.50 22.75
C GLN B 178 13.20 -18.42 22.54
N TRP B 179 12.78 -17.27 22.03
CA TRP B 179 13.68 -16.16 21.83
C TRP B 179 13.77 -15.31 23.10
N GLU B 180 14.99 -14.95 23.48
CA GLU B 180 15.25 -14.01 24.57
C GLU B 180 15.88 -12.74 23.99
N PRO B 181 15.37 -11.55 24.35
CA PRO B 181 15.98 -10.34 23.80
C PRO B 181 17.41 -10.15 24.33
N SER B 182 18.31 -9.72 23.44
CA SER B 182 19.69 -9.37 23.82
C SER B 182 19.72 -7.95 24.39
N ALA B 183 20.88 -7.52 24.90
CA ALA B 183 21.00 -6.13 25.34
C ALA B 183 20.65 -5.12 24.22
N ALA B 184 21.04 -5.41 22.97
CA ALA B 184 20.71 -4.51 21.86
C ALA B 184 19.20 -4.42 21.65
N ASP B 185 18.51 -5.55 21.78
CA ASP B 185 17.05 -5.61 21.62
C ASP B 185 16.34 -4.84 22.72
N ILE B 186 16.79 -5.04 23.96
CA ILE B 186 16.22 -4.32 25.08
C ILE B 186 16.36 -2.83 24.86
N SER B 187 17.57 -2.42 24.49
CA SER B 187 17.88 -1.03 24.18
C SER B 187 17.02 -0.49 23.03
N ALA B 188 16.57 -1.36 22.12
CA ALA B 188 15.77 -0.92 20.97
C ALA B 188 14.28 -1.05 21.21
N GLY B 189 13.90 -1.46 22.42
CA GLY B 189 12.50 -1.68 22.78
C GLY B 189 11.86 -2.95 22.22
N ARG B 190 12.67 -3.86 21.68
CA ARG B 190 12.19 -5.11 21.11
C ARG B 190 12.05 -6.16 22.20
N LEU B 191 10.88 -6.20 22.84
CA LEU B 191 10.55 -7.23 23.82
C LEU B 191 9.59 -8.20 23.16
N PRO B 192 9.54 -9.46 23.66
CA PRO B 192 8.70 -10.49 23.04
C PRO B 192 7.26 -10.04 22.86
N GLY B 193 6.76 -10.23 21.65
CA GLY B 193 5.35 -9.93 21.43
C GLY B 193 5.08 -9.94 19.96
N TYR B 194 3.85 -9.60 19.61
CA TYR B 194 3.52 -9.52 18.19
C TYR B 194 4.27 -8.38 17.48
N GLY B 195 4.60 -7.32 18.22
CA GLY B 195 5.35 -6.19 17.67
C GLY B 195 6.68 -6.64 17.08
N VAL B 196 7.43 -7.47 17.82
CA VAL B 196 8.69 -7.99 17.32
C VAL B 196 8.47 -8.79 16.04
N ILE B 197 7.34 -9.47 15.94
CA ILE B 197 7.04 -10.28 14.75
C ILE B 197 6.81 -9.35 13.53
N THR B 198 6.03 -8.30 13.72
CA THR B 198 5.88 -7.28 12.68
C THR B 198 7.27 -6.77 12.29
N ASN B 199 8.12 -6.53 13.29
CA ASN B 199 9.45 -5.98 13.08
C ASN B 199 10.29 -6.93 12.21
N ILE B 200 10.24 -8.23 12.52
CA ILE B 200 10.94 -9.23 11.74
C ILE B 200 10.48 -9.22 10.28
N ILE B 201 9.15 -9.15 10.10
CA ILE B 201 8.57 -9.25 8.76
C ILE B 201 8.84 -8.04 7.86
N ASN B 202 8.64 -6.83 8.39
CA ASN B 202 8.77 -5.61 7.60
C ASN B 202 9.10 -4.36 8.41
N GLY B 203 9.81 -4.56 9.52
CA GLY B 203 10.12 -3.45 10.44
C GLY B 203 10.74 -2.21 9.84
N GLY B 204 11.68 -2.39 8.92
CA GLY B 204 12.33 -1.26 8.26
C GLY B 204 11.37 -0.31 7.60
N LEU B 205 10.28 -0.84 7.06
CA LEU B 205 9.31 0.00 6.39
C LEU B 205 8.10 0.42 7.25
N GLU B 206 7.98 -0.13 8.46
CA GLU B 206 6.73 0.00 9.20
C GLU B 206 6.91 0.39 10.65
N CYS B 207 7.94 -0.14 11.31
CA CYS B 207 8.04 0.05 12.76
C CYS B 207 8.63 1.41 13.14
N ALA B 208 8.78 1.65 14.44
CA ALA B 208 9.16 2.96 14.99
C ALA B 208 8.30 4.11 14.46
N GLY B 209 7.01 3.85 14.21
CA GLY B 209 6.09 4.86 13.68
C GLY B 209 6.16 5.09 12.16
N ARG B 210 6.99 4.33 11.45
CA ARG B 210 7.21 4.59 10.03
C ARG B 210 5.95 4.42 9.17
N ASP B 211 5.17 3.38 9.47
CA ASP B 211 3.86 3.15 8.81
C ASP B 211 2.80 2.58 9.78
N VAL B 212 2.28 3.45 10.63
CA VAL B 212 1.28 3.07 11.64
C VAL B 212 0.12 2.29 11.00
N ALA B 213 -0.35 2.73 9.84
CA ALA B 213 -1.52 2.10 9.22
C ALA B 213 -1.36 0.60 8.91
N LYS B 214 -0.21 0.24 8.33
CA LYS B 214 0.12 -1.16 8.06
C LYS B 214 0.26 -1.95 9.35
N VAL B 215 0.94 -1.38 10.35
CA VAL B 215 1.06 -2.09 11.64
C VAL B 215 -0.33 -2.27 12.25
N GLN B 216 -1.15 -1.23 12.20
CA GLN B 216 -2.49 -1.35 12.76
C GLN B 216 -3.33 -2.46 12.09
N ASP B 217 -3.18 -2.62 10.77
CA ASP B 217 -3.90 -3.72 10.08
C ASP B 217 -3.42 -5.10 10.55
N ARG B 218 -2.09 -5.24 10.67
CA ARG B 218 -1.52 -6.50 11.17
C ARG B 218 -2.12 -6.82 12.53
N ILE B 219 -2.17 -5.81 13.41
CA ILE B 219 -2.74 -5.99 14.76
C ILE B 219 -4.22 -6.41 14.72
N SER B 220 -5.00 -5.78 13.84
CA SER B 220 -6.44 -5.99 13.72
CA SER B 220 -6.44 -6.00 13.76
C SER B 220 -6.75 -7.44 13.34
N PHE B 221 -5.99 -7.95 12.36
CA PHE B 221 -6.21 -9.34 12.00
C PHE B 221 -5.90 -10.25 13.19
N TYR B 222 -4.75 -10.01 13.81
CA TYR B 222 -4.27 -10.86 14.90
C TYR B 222 -5.26 -10.90 16.08
N THR B 223 -5.77 -9.73 16.50
CA THR B 223 -6.64 -9.68 17.68
C THR B 223 -7.96 -10.31 17.37
N ARG B 224 -8.44 -10.19 16.13
CA ARG B 224 -9.65 -10.93 15.74
C ARG B 224 -9.47 -12.45 15.86
N TYR B 225 -8.37 -12.95 15.31
CA TYR B 225 -8.07 -14.36 15.32
C TYR B 225 -7.82 -14.83 16.76
N CYS B 226 -7.14 -14.02 17.58
CA CYS B 226 -6.97 -14.40 19.01
C CYS B 226 -8.33 -14.55 19.71
N GLY B 227 -9.27 -13.67 19.38
CA GLY B 227 -10.61 -13.75 19.98
C GLY B 227 -11.28 -15.04 19.54
N MET B 228 -11.05 -15.41 18.28
CA MET B 228 -11.65 -16.61 17.70
C MET B 228 -11.12 -17.90 18.34
N PHE B 229 -9.82 -17.92 18.61
CA PHE B 229 -9.17 -19.09 19.21
C PHE B 229 -9.26 -19.11 20.73
N GLY B 230 -9.68 -18.01 21.33
CA GLY B 230 -9.74 -17.94 22.81
C GLY B 230 -8.37 -17.80 23.45
N VAL B 231 -7.54 -16.93 22.89
CA VAL B 231 -6.21 -16.69 23.47
C VAL B 231 -5.92 -15.22 23.63
N ASP B 232 -4.95 -14.94 24.51
CA ASP B 232 -4.52 -13.59 24.86
C ASP B 232 -3.50 -13.12 23.81
N PRO B 233 -3.76 -11.98 23.14
CA PRO B 233 -2.80 -11.46 22.14
C PRO B 233 -1.44 -11.14 22.73
N GLY B 234 -1.42 -10.80 24.03
CA GLY B 234 -0.18 -10.65 24.76
C GLY B 234 0.29 -9.22 24.79
N SER B 235 1.36 -8.98 25.55
CA SER B 235 1.92 -7.65 25.66
C SER B 235 2.80 -7.34 24.44
N ASN B 236 3.18 -6.07 24.31
CA ASN B 236 4.09 -5.62 23.26
C ASN B 236 3.56 -6.00 21.88
N ILE B 237 2.29 -5.72 21.64
CA ILE B 237 1.63 -6.06 20.37
C ILE B 237 2.03 -5.11 19.23
N ASP B 238 2.46 -3.90 19.60
CA ASP B 238 2.72 -2.83 18.64
C ASP B 238 4.25 -2.55 18.56
N CYS B 239 4.75 -2.12 17.40
CA CYS B 239 6.19 -1.89 17.25
C CYS B 239 6.50 -0.42 17.00
N ASP B 240 5.54 0.44 17.31
CA ASP B 240 5.75 1.88 17.18
C ASP B 240 6.83 2.40 18.13
N ASN B 241 7.05 1.65 19.21
CA ASN B 241 8.13 1.96 20.16
C ASN B 241 9.40 1.09 20.04
N GLN B 242 9.57 0.44 18.90
CA GLN B 242 10.69 -0.45 18.63
C GLN B 242 11.52 0.09 17.49
N ARG B 243 12.84 0.00 17.62
CA ARG B 243 13.70 0.28 16.49
C ARG B 243 13.73 -0.96 15.59
N PRO B 244 13.75 -0.76 14.26
CA PRO B 244 13.81 -1.93 13.37
C PRO B 244 15.06 -2.78 13.57
N PHE B 245 14.93 -4.10 13.42
CA PHE B 245 16.10 -4.99 13.33
C PHE B 245 16.98 -4.55 12.18
N ASN B 246 16.32 -4.20 11.09
CA ASN B 246 16.96 -3.83 9.83
C ASN B 246 17.30 -2.34 9.81
CL CL C . 17.50 11.48 -4.85
CL CL D . -24.07 12.74 -6.85
CL CL E . -11.30 -1.18 -9.22
CL CL F . -1.16 28.50 6.36
CL CL G . -13.00 5.93 5.27
CL CL H . -5.75 28.98 -9.67
CL CL I . -16.66 1.52 -13.65
CL CL J . -23.45 20.45 -6.87
CL CL K . 8.74 -15.77 -13.17
CL CL L . -3.51 -12.53 -6.90
CL CL M . -12.03 -30.06 10.41
CL CL N . 8.71 -20.40 -13.03
CL CL O . -13.49 -1.75 8.68
CL CL P . 12.82 -5.19 7.58
CL CL Q . -10.26 -27.65 1.86
CL CL R . 16.84 -23.32 -7.80
CL CL S . -15.95 -25.02 5.66
CL CL T . 10.21 -11.54 1.64
CL CL U . 2.50 -6.10 -13.78
#